data_5TOS
#
_entry.id   5TOS
#
_cell.length_a   114.190
_cell.length_b   72.090
_cell.length_c   93.880
_cell.angle_alpha   90.00
_cell.angle_beta   108.41
_cell.angle_gamma   90.00
#
_symmetry.space_group_name_H-M   'C 1 2 1'
#
loop_
_entity.id
_entity.type
_entity.pdbx_description
1 polymer 'Serine/threonine-protein kinase BIK1'
2 water water
#
_entity_poly.entity_id   1
_entity_poly.type   'polypeptide(L)'
_entity_poly.pdbx_seq_one_letter_code
;MGSCFSSRVKADIFHNGKSSDLYGLSLSSRKSSSTVAAAQKTEGEILSSTPVKSFTFNELKLATRNFRPDSVIGEGGFGC
VFKGWLDESTLTPTKPGTGLVIAVKKLNQEGFQGHREWLTEINYLGQLSHPNLVKLIGYCLEDEHRLLVYEFMQKGSLEN
HLFRRGAYFKPLPWFLRVNVALDAAKGLAFLHSDPVKVIYRDIKASNILLDADYNAKLSDFGLARDGPMGDLSYVSTRVM
GTYGYAAPEYMS(SEP)GHLNARSDVYSFGVLLLEILSGKRALDHNRPAKEENLVDWARPYLTSKRKVLLIVDNRLDTQY
LPEEAVRMASVAVQCLSFEPKSRPTMDQVVRALQQLQDNLGKPSQTNPVKDTKKLGFKTGTTKSSEKRFTQKPFGRHLV
;
_entity_poly.pdbx_strand_id   A,B
#
# COMPACT_ATOMS: atom_id res chain seq x y z
N VAL A 52 20.42 -10.29 12.28
CA VAL A 52 21.14 -9.83 11.09
C VAL A 52 22.20 -10.86 10.69
N LYS A 53 22.04 -11.44 9.50
CA LYS A 53 22.96 -12.47 9.05
C LYS A 53 24.29 -11.87 8.62
N SER A 54 25.34 -12.68 8.71
CA SER A 54 26.64 -12.33 8.16
C SER A 54 26.86 -13.11 6.87
N PHE A 55 27.39 -12.43 5.86
CA PHE A 55 27.60 -13.03 4.56
C PHE A 55 29.08 -13.08 4.23
N THR A 56 29.44 -14.06 3.42
CA THR A 56 30.77 -14.07 2.82
C THR A 56 30.77 -13.20 1.59
N PHE A 57 31.94 -12.64 1.27
CA PHE A 57 32.04 -11.87 0.04
C PHE A 57 31.64 -12.69 -1.17
N ASN A 58 31.90 -14.00 -1.12
CA ASN A 58 31.50 -14.88 -2.22
C ASN A 58 30.00 -15.10 -2.25
N GLU A 59 29.34 -15.18 -1.09
CA GLU A 59 27.89 -15.33 -1.07
C GLU A 59 27.21 -14.19 -1.81
N LEU A 60 27.56 -12.94 -1.47
CA LEU A 60 27.01 -11.79 -2.17
C LEU A 60 27.55 -11.70 -3.58
N LYS A 61 28.76 -12.25 -3.80
CA LYS A 61 29.33 -12.34 -5.14
C LYS A 61 28.42 -13.15 -6.05
N LEU A 62 27.92 -14.28 -5.55
CA LEU A 62 27.01 -15.12 -6.32
C LEU A 62 25.64 -14.48 -6.44
N ALA A 63 25.11 -13.97 -5.32
CA ALA A 63 23.73 -13.48 -5.29
C ALA A 63 23.52 -12.32 -6.27
N THR A 64 24.55 -11.50 -6.49
CA THR A 64 24.40 -10.26 -7.25
C THR A 64 24.96 -10.35 -8.67
N ARG A 65 24.91 -11.54 -9.27
CA ARG A 65 25.35 -11.75 -10.65
C ARG A 65 26.74 -11.17 -10.89
N ASN A 66 27.66 -11.49 -9.98
CA ASN A 66 29.06 -11.06 -10.05
C ASN A 66 29.20 -9.56 -9.79
N PHE A 67 28.43 -9.04 -8.83
CA PHE A 67 28.41 -7.60 -8.51
C PHE A 67 28.15 -6.79 -9.78
N ARG A 68 27.00 -7.07 -10.38
CA ARG A 68 26.65 -6.47 -11.66
C ARG A 68 26.02 -5.11 -11.44
N PRO A 69 26.49 -4.06 -12.15
CA PRO A 69 25.87 -2.73 -12.12
C PRO A 69 24.45 -2.73 -12.67
N CYS A 80 21.84 2.89 -6.75
CA CYS A 80 22.79 2.60 -7.82
C CYS A 80 23.57 1.32 -7.53
N VAL A 81 23.56 0.90 -6.27
CA VAL A 81 24.35 -0.26 -5.84
C VAL A 81 23.78 -1.54 -6.44
N PHE A 82 24.24 -2.71 -5.97
CA PHE A 82 24.04 -3.93 -6.74
C PHE A 82 22.79 -4.70 -6.34
N LYS A 83 22.15 -5.31 -7.35
CA LYS A 83 20.93 -6.11 -7.19
C LYS A 83 21.28 -7.58 -7.04
N GLY A 84 20.63 -8.26 -6.09
CA GLY A 84 20.93 -9.65 -5.83
C GLY A 84 19.67 -10.45 -5.53
N TRP A 85 19.87 -11.77 -5.39
CA TRP A 85 18.79 -12.71 -5.14
C TRP A 85 19.22 -13.75 -4.11
N LEU A 86 18.30 -14.10 -3.22
CA LEU A 86 18.55 -15.07 -2.17
C LEU A 86 17.32 -15.95 -1.99
N ASP A 87 17.56 -17.20 -1.59
CA ASP A 87 16.45 -18.03 -1.12
C ASP A 87 15.93 -17.45 0.18
N GLU A 88 14.61 -17.29 0.28
CA GLU A 88 14.04 -16.58 1.41
C GLU A 88 14.25 -17.33 2.73
N SER A 89 14.22 -18.66 2.68
CA SER A 89 14.38 -19.45 3.91
C SER A 89 15.83 -19.49 4.36
N THR A 90 16.73 -19.94 3.49
CA THR A 90 18.13 -20.11 3.87
C THR A 90 18.96 -18.84 3.76
N LEU A 91 18.46 -17.80 3.09
CA LEU A 91 19.23 -16.58 2.82
C LEU A 91 20.54 -16.89 2.12
N THR A 92 20.51 -17.87 1.22
CA THR A 92 21.63 -18.26 0.39
C THR A 92 21.37 -17.87 -1.07
N PRO A 93 22.42 -17.73 -1.88
CA PRO A 93 22.22 -17.26 -3.26
C PRO A 93 21.39 -18.24 -4.09
N THR A 94 20.47 -17.69 -4.87
CA THR A 94 19.67 -18.44 -5.83
C THR A 94 19.85 -17.85 -7.22
N LYS A 95 19.17 -18.46 -8.20
CA LYS A 95 19.22 -17.95 -9.56
C LYS A 95 18.46 -16.64 -9.66
N PRO A 96 18.88 -15.74 -10.55
CA PRO A 96 18.22 -14.44 -10.67
C PRO A 96 16.76 -14.59 -11.07
N GLY A 97 15.94 -13.65 -10.60
CA GLY A 97 14.52 -13.68 -10.87
C GLY A 97 13.71 -14.54 -9.94
N THR A 98 14.35 -15.18 -8.95
CA THR A 98 13.67 -16.08 -8.03
C THR A 98 13.93 -15.66 -6.59
N GLY A 99 12.97 -15.95 -5.72
CA GLY A 99 13.13 -15.74 -4.29
C GLY A 99 13.15 -14.26 -3.91
N LEU A 100 13.81 -13.98 -2.78
CA LEU A 100 13.88 -12.63 -2.24
C LEU A 100 14.92 -11.81 -3.00
N VAL A 101 14.51 -10.63 -3.44
CA VAL A 101 15.41 -9.70 -4.11
C VAL A 101 16.05 -8.79 -3.08
N ILE A 102 17.38 -8.69 -3.12
CA ILE A 102 18.12 -7.90 -2.14
C ILE A 102 18.87 -6.79 -2.87
N ALA A 103 19.28 -5.79 -2.09
CA ALA A 103 20.16 -4.73 -2.55
C ALA A 103 21.40 -4.74 -1.67
N VAL A 104 22.56 -4.86 -2.29
CA VAL A 104 23.84 -4.87 -1.58
C VAL A 104 24.55 -3.56 -1.86
N LYS A 105 25.00 -2.91 -0.79
CA LYS A 105 25.63 -1.60 -0.83
C LYS A 105 27.09 -1.75 -0.42
N LYS A 106 27.99 -1.23 -1.26
CA LYS A 106 29.40 -1.20 -0.97
C LYS A 106 29.74 0.01 -0.11
N LEU A 107 30.39 -0.23 1.02
CA LEU A 107 30.72 0.83 1.99
C LEU A 107 32.23 0.95 2.11
N ASN A 108 32.76 2.13 1.79
CA ASN A 108 34.14 2.46 2.12
C ASN A 108 34.23 2.82 3.60
N GLN A 109 35.40 2.54 4.19
CA GLN A 109 35.64 2.94 5.57
C GLN A 109 35.65 4.46 5.67
N GLU A 110 34.76 5.00 6.50
CA GLU A 110 34.68 6.43 6.74
C GLU A 110 35.16 6.75 8.14
N GLY A 111 35.98 7.78 8.27
CA GLY A 111 36.51 8.18 9.55
C GLY A 111 37.36 7.14 10.25
N PHE A 112 37.96 6.21 9.48
CA PHE A 112 38.83 5.18 10.03
C PHE A 112 38.11 4.32 11.08
N GLN A 113 36.81 4.12 10.89
CA GLN A 113 36.03 3.28 11.78
C GLN A 113 36.60 1.87 11.83
N GLY A 114 36.72 1.33 13.03
CA GLY A 114 37.24 -0.02 13.20
C GLY A 114 36.17 -1.07 12.99
N HIS A 115 36.63 -2.32 12.84
CA HIS A 115 35.73 -3.45 12.67
C HIS A 115 34.71 -3.51 13.81
N ARG A 116 35.18 -3.36 15.05
CA ARG A 116 34.31 -3.51 16.21
C ARG A 116 33.26 -2.41 16.26
N GLU A 117 33.67 -1.16 16.01
CA GLU A 117 32.70 -0.06 15.99
C GLU A 117 31.64 -0.29 14.93
N TRP A 118 32.05 -0.66 13.72
CA TRP A 118 31.10 -0.88 12.63
C TRP A 118 30.13 -2.00 12.97
N LEU A 119 30.66 -3.14 13.44
CA LEU A 119 29.79 -4.25 13.85
C LEU A 119 28.83 -3.84 14.95
N THR A 120 29.25 -2.95 15.85
CA THR A 120 28.34 -2.47 16.90
C THR A 120 27.23 -1.62 16.31
N GLU A 121 27.57 -0.74 15.37
CA GLU A 121 26.55 0.08 14.71
C GLU A 121 25.57 -0.80 13.93
N ILE A 122 26.09 -1.79 13.21
CA ILE A 122 25.23 -2.77 12.53
C ILE A 122 24.29 -3.44 13.53
N ASN A 123 24.84 -3.80 14.69
CA ASN A 123 24.02 -4.45 15.73
C ASN A 123 22.88 -3.56 16.18
N TYR A 124 23.14 -2.26 16.40
CA TYR A 124 22.05 -1.39 16.81
C TYR A 124 21.05 -1.17 15.68
N LEU A 125 21.53 -1.08 14.45
CA LEU A 125 20.62 -0.91 13.31
C LEU A 125 19.70 -2.12 13.16
N GLY A 126 20.21 -3.32 13.45
CA GLY A 126 19.38 -4.51 13.38
C GLY A 126 18.23 -4.52 14.36
N GLN A 127 18.31 -3.72 15.43
CA GLN A 127 17.21 -3.61 16.38
C GLN A 127 16.13 -2.64 15.95
N LEU A 128 16.36 -1.86 14.89
CA LEU A 128 15.44 -0.81 14.47
C LEU A 128 14.49 -1.29 13.39
N SER A 129 13.90 -2.47 13.57
CA SER A 129 12.91 -2.96 12.62
C SER A 129 11.65 -2.09 12.69
N HIS A 130 11.17 -1.68 11.52
CA HIS A 130 9.98 -0.84 11.42
C HIS A 130 9.43 -0.95 10.00
N PRO A 131 8.12 -0.98 9.82
CA PRO A 131 7.57 -1.09 8.45
C PRO A 131 7.93 0.08 7.55
N ASN A 132 8.36 1.20 8.10
CA ASN A 132 8.69 2.38 7.30
C ASN A 132 10.18 2.71 7.34
N LEU A 133 11.01 1.73 7.67
CA LEU A 133 12.45 1.80 7.49
C LEU A 133 12.87 0.62 6.63
N VAL A 134 13.77 0.86 5.66
CA VAL A 134 14.24 -0.21 4.80
C VAL A 134 14.89 -1.29 5.65
N LYS A 135 14.47 -2.54 5.45
CA LYS A 135 14.90 -3.63 6.31
C LYS A 135 16.35 -3.99 6.00
N LEU A 136 17.19 -3.96 7.04
CA LEU A 136 18.55 -4.44 6.94
C LEU A 136 18.57 -5.96 7.05
N ILE A 137 19.03 -6.63 5.99
CA ILE A 137 19.04 -8.09 5.97
C ILE A 137 20.36 -8.65 6.48
N GLY A 138 21.48 -8.05 6.12
CA GLY A 138 22.76 -8.58 6.53
C GLY A 138 23.90 -7.64 6.25
N TYR A 139 25.11 -8.19 6.30
CA TYR A 139 26.33 -7.42 6.12
C TYR A 139 27.46 -8.37 5.71
N CYS A 140 28.60 -7.78 5.36
CA CYS A 140 29.78 -8.56 5.00
C CYS A 140 31.03 -7.81 5.46
N LEU A 141 31.94 -8.53 6.13
CA LEU A 141 33.21 -7.98 6.60
C LEU A 141 34.28 -9.06 6.39
N GLU A 142 35.12 -8.85 5.36
CA GLU A 142 36.13 -9.85 5.00
C GLU A 142 37.53 -9.26 4.95
N ASP A 143 38.10 -9.19 3.74
CA ASP A 143 39.41 -8.59 3.51
C ASP A 143 39.22 -7.10 3.22
N GLU A 144 38.91 -6.36 4.29
CA GLU A 144 38.62 -4.93 4.26
C GLU A 144 37.27 -4.66 3.58
N HIS A 145 36.65 -5.70 3.03
CA HIS A 145 35.34 -5.55 2.42
C HIS A 145 34.29 -5.25 3.48
N ARG A 146 33.47 -4.23 3.23
CA ARG A 146 32.36 -3.88 4.11
C ARG A 146 31.13 -3.66 3.25
N LEU A 147 30.17 -4.57 3.34
CA LEU A 147 28.96 -4.52 2.52
C LEU A 147 27.73 -4.57 3.41
N LEU A 148 26.65 -3.96 2.95
CA LEU A 148 25.37 -4.04 3.64
C LEU A 148 24.33 -4.69 2.73
N VAL A 149 23.38 -5.37 3.35
CA VAL A 149 22.37 -6.14 2.63
C VAL A 149 20.99 -5.68 3.13
N TYR A 150 20.27 -4.97 2.27
CA TYR A 150 18.92 -4.50 2.55
C TYR A 150 17.92 -5.21 1.65
N GLU A 151 16.65 -5.12 2.02
CA GLU A 151 15.58 -5.50 1.11
C GLU A 151 15.60 -4.60 -0.11
N PHE A 152 15.35 -5.18 -1.28
CA PHE A 152 15.27 -4.38 -2.51
C PHE A 152 13.93 -3.66 -2.57
N MET A 153 13.97 -2.36 -2.82
CA MET A 153 12.76 -1.55 -2.94
C MET A 153 12.43 -1.44 -4.43
N GLN A 154 11.38 -2.15 -4.84
CA GLN A 154 11.14 -2.41 -6.26
C GLN A 154 10.88 -1.13 -7.07
N LYS A 155 10.26 -0.12 -6.46
CA LYS A 155 9.82 1.06 -7.20
C LYS A 155 10.75 2.25 -7.02
N GLY A 156 11.93 2.06 -6.43
CA GLY A 156 12.91 3.13 -6.41
C GLY A 156 12.53 4.26 -5.45
N SER A 157 13.15 5.41 -5.70
CA SER A 157 12.99 6.58 -4.85
C SER A 157 11.75 7.37 -5.24
N LEU A 158 11.24 8.15 -4.28
CA LEU A 158 10.07 8.99 -4.52
C LEU A 158 10.30 9.98 -5.66
N GLU A 159 11.57 10.38 -5.88
CA GLU A 159 11.88 11.33 -6.95
C GLU A 159 11.29 10.87 -8.28
N ASN A 160 11.56 9.62 -8.66
CA ASN A 160 11.13 9.10 -9.94
C ASN A 160 9.62 9.12 -10.11
N HIS A 161 8.87 9.27 -9.01
CA HIS A 161 7.42 9.26 -9.07
C HIS A 161 6.80 10.64 -8.87
N LEU A 162 7.61 11.69 -8.77
CA LEU A 162 7.09 13.05 -8.59
C LEU A 162 7.52 13.99 -9.70
N PHE A 163 8.80 13.97 -10.07
CA PHE A 163 9.32 14.98 -10.99
C PHE A 163 9.27 14.43 -12.41
N ARG A 164 10.41 14.09 -13.01
CA ARG A 164 10.45 13.32 -14.25
C ARG A 164 9.74 13.99 -15.44
N ARG A 165 10.50 14.41 -16.45
CA ARG A 165 9.95 14.96 -17.68
C ARG A 165 8.79 14.11 -18.21
N GLY A 166 7.56 14.55 -17.99
CA GLY A 166 6.40 13.71 -18.23
C GLY A 166 6.02 13.50 -19.69
N ALA A 167 4.88 14.06 -20.09
CA ALA A 167 4.24 13.80 -21.37
C ALA A 167 3.73 12.36 -21.41
N TYR A 168 4.65 11.39 -21.35
CA TYR A 168 4.32 9.98 -21.25
C TYR A 168 4.68 9.39 -19.88
N PHE A 169 4.85 10.23 -18.87
CA PHE A 169 5.12 9.79 -17.51
C PHE A 169 4.00 10.24 -16.60
N LYS A 170 3.57 9.35 -15.71
CA LYS A 170 2.50 9.64 -14.78
C LYS A 170 3.03 9.60 -13.35
N PRO A 171 2.86 10.66 -12.57
CA PRO A 171 3.36 10.67 -11.19
C PRO A 171 2.38 9.96 -10.26
N LEU A 172 2.75 9.93 -8.98
CA LEU A 172 1.86 9.36 -7.98
C LEU A 172 0.55 10.14 -7.93
N PRO A 173 -0.57 9.46 -7.81
CA PRO A 173 -1.83 10.18 -7.58
C PRO A 173 -1.94 10.72 -6.16
N TRP A 174 -3.02 11.44 -5.86
CA TRP A 174 -3.13 12.15 -4.59
C TRP A 174 -3.15 11.19 -3.41
N PHE A 175 -3.94 10.11 -3.50
CA PHE A 175 -4.06 9.17 -2.38
C PHE A 175 -2.71 8.59 -2.00
N LEU A 176 -1.91 8.19 -2.99
CA LEU A 176 -0.61 7.62 -2.71
C LEU A 176 0.38 8.68 -2.25
N ARG A 177 0.20 9.94 -2.63
CA ARG A 177 1.04 11.00 -2.09
C ARG A 177 0.77 11.18 -0.60
N VAL A 178 -0.50 11.19 -0.21
CA VAL A 178 -0.85 11.26 1.22
C VAL A 178 -0.29 10.05 1.95
N ASN A 179 -0.48 8.85 1.38
CA ASN A 179 -0.03 7.64 2.04
C ASN A 179 1.49 7.61 2.19
N VAL A 180 2.21 8.08 1.17
CA VAL A 180 3.67 8.09 1.23
C VAL A 180 4.16 9.11 2.26
N ALA A 181 3.55 10.31 2.27
CA ALA A 181 3.90 11.28 3.30
C ALA A 181 3.69 10.70 4.69
N LEU A 182 2.55 10.04 4.90
CA LEU A 182 2.27 9.42 6.20
C LEU A 182 3.30 8.35 6.54
N ASP A 183 3.71 7.54 5.55
CA ASP A 183 4.68 6.48 5.81
C ASP A 183 6.04 7.06 6.23
N ALA A 184 6.55 8.01 5.44
CA ALA A 184 7.80 8.67 5.81
C ALA A 184 7.69 9.30 7.20
N ALA A 185 6.55 9.93 7.49
CA ALA A 185 6.36 10.53 8.81
C ALA A 185 6.41 9.47 9.91
N LYS A 186 5.86 8.28 9.65
CA LYS A 186 5.89 7.23 10.66
C LYS A 186 7.30 6.72 10.89
N GLY A 187 8.07 6.55 9.82
CA GLY A 187 9.47 6.15 9.98
C GLY A 187 10.26 7.17 10.78
N LEU A 188 10.16 8.44 10.40
CA LEU A 188 10.91 9.48 11.09
C LEU A 188 10.48 9.60 12.54
N ALA A 189 9.17 9.48 12.81
CA ALA A 189 8.68 9.54 14.18
C ALA A 189 9.21 8.36 14.99
N PHE A 190 9.32 7.19 14.38
CA PHE A 190 9.97 6.07 15.06
C PHE A 190 11.42 6.38 15.39
N LEU A 191 12.14 7.00 14.44
CA LEU A 191 13.54 7.35 14.71
C LEU A 191 13.65 8.39 15.82
N HIS A 192 12.66 9.29 15.94
CA HIS A 192 12.68 10.30 16.99
C HIS A 192 12.14 9.81 18.32
N SER A 193 11.58 8.60 18.37
CA SER A 193 10.91 8.12 19.57
C SER A 193 11.92 7.93 20.71
N ASP A 194 11.38 7.90 21.92
CA ASP A 194 12.23 7.83 23.12
C ASP A 194 13.16 6.62 23.16
N PRO A 195 12.74 5.40 22.82
CA PRO A 195 13.69 4.26 22.88
C PRO A 195 14.67 4.19 21.72
N VAL A 196 14.61 5.15 20.78
CA VAL A 196 15.46 5.13 19.59
C VAL A 196 16.42 6.31 19.58
N LYS A 197 15.89 7.53 19.61
CA LYS A 197 16.68 8.76 19.71
C LYS A 197 17.68 8.87 18.55
N VAL A 198 17.16 8.88 17.33
CA VAL A 198 17.98 8.94 16.13
C VAL A 198 17.56 10.14 15.29
N ILE A 199 18.54 10.92 14.85
CA ILE A 199 18.32 12.04 13.93
C ILE A 199 18.66 11.56 12.53
N TYR A 200 17.70 11.68 11.61
CA TYR A 200 17.91 11.15 10.27
C TYR A 200 18.85 12.01 9.44
N ARG A 201 18.77 13.33 9.60
CA ARG A 201 19.68 14.29 8.98
C ARG A 201 19.48 14.42 7.47
N ASP A 202 19.09 13.35 6.79
CA ASP A 202 19.04 13.31 5.33
C ASP A 202 17.63 13.08 4.81
N ILE A 203 16.65 13.74 5.40
CA ILE A 203 15.28 13.70 4.89
C ILE A 203 15.25 14.36 3.51
N LYS A 204 15.11 13.54 2.47
CA LYS A 204 15.11 14.01 1.09
C LYS A 204 14.21 13.08 0.28
N ALA A 205 13.67 13.62 -0.83
CA ALA A 205 12.89 12.79 -1.73
C ALA A 205 13.72 11.64 -2.29
N SER A 206 15.02 11.85 -2.45
CA SER A 206 15.91 10.78 -2.91
C SER A 206 15.97 9.63 -1.92
N ASN A 207 15.68 9.86 -0.64
CA ASN A 207 15.81 8.86 0.40
C ASN A 207 14.47 8.30 0.84
N ILE A 208 13.38 8.64 0.15
CA ILE A 208 12.10 7.96 0.32
C ILE A 208 12.02 6.88 -0.75
N LEU A 209 12.14 5.61 -0.34
CA LEU A 209 12.07 4.50 -1.27
C LEU A 209 10.69 3.86 -1.24
N LEU A 210 10.27 3.33 -2.39
CA LEU A 210 8.96 2.70 -2.53
C LEU A 210 9.13 1.24 -2.92
N ASP A 211 8.33 0.37 -2.30
CA ASP A 211 8.35 -1.04 -2.65
C ASP A 211 7.32 -1.29 -3.76
N ALA A 212 7.13 -2.56 -4.12
CA ALA A 212 6.23 -2.91 -5.21
C ALA A 212 4.76 -2.62 -4.91
N ASP A 213 4.42 -2.28 -3.66
CA ASP A 213 3.06 -1.92 -3.29
C ASP A 213 2.94 -0.46 -2.86
N TYR A 214 3.88 0.39 -3.29
CA TYR A 214 3.90 1.83 -3.01
C TYR A 214 4.09 2.12 -1.53
N ASN A 215 4.50 1.15 -0.72
CA ASN A 215 4.87 1.42 0.66
C ASN A 215 6.17 2.21 0.72
N ALA A 216 6.14 3.34 1.39
CA ALA A 216 7.31 4.21 1.49
C ALA A 216 8.10 3.90 2.75
N LYS A 217 9.42 3.90 2.61
CA LYS A 217 10.34 3.64 3.71
C LYS A 217 11.53 4.59 3.61
N LEU A 218 12.06 4.97 4.76
CA LEU A 218 13.27 5.78 4.79
C LEU A 218 14.46 4.95 4.30
N SER A 219 15.24 5.53 3.39
CA SER A 219 16.39 4.84 2.84
C SER A 219 17.41 4.53 3.95
N ASP A 220 18.37 3.67 3.61
CA ASP A 220 19.38 3.26 4.58
C ASP A 220 20.11 4.48 5.13
N PHE A 221 20.52 4.37 6.40
CA PHE A 221 21.06 5.51 7.11
C PHE A 221 22.14 5.04 8.08
N GLY A 222 23.14 5.90 8.29
CA GLY A 222 24.17 5.64 9.26
C GLY A 222 23.74 5.98 10.66
N LEU A 223 24.62 5.68 11.61
CA LEU A 223 24.33 5.93 13.02
C LEU A 223 25.20 7.04 13.58
N TYR A 243 21.23 19.02 1.31
CA TYR A 243 21.33 20.24 0.51
C TYR A 243 20.04 20.46 -0.27
N GLY A 244 19.36 21.56 0.04
CA GLY A 244 18.05 21.87 -0.52
C GLY A 244 16.94 21.87 0.52
N TYR A 245 17.08 21.04 1.56
CA TYR A 245 16.10 20.96 2.64
C TYR A 245 16.63 21.56 3.94
N ALA A 246 17.79 22.23 3.88
CA ALA A 246 18.48 22.68 5.08
C ALA A 246 17.61 23.58 5.95
N ALA A 247 17.56 23.27 7.24
CA ALA A 247 16.85 24.10 8.19
C ALA A 247 17.59 25.43 8.39
N PRO A 248 16.89 26.48 8.83
CA PRO A 248 17.58 27.77 9.06
C PRO A 248 18.70 27.68 10.08
N GLU A 249 18.43 27.07 11.24
CA GLU A 249 19.45 26.92 12.27
C GLU A 249 20.65 26.11 11.79
N TYR A 250 20.47 25.27 10.77
CA TYR A 250 21.60 24.53 10.22
C TYR A 250 22.43 25.41 9.30
N MET A 251 21.78 26.20 8.44
CA MET A 251 22.50 27.14 7.59
C MET A 251 23.29 28.14 8.44
N SER A 252 22.66 28.69 9.47
CA SER A 252 23.27 29.72 10.29
C SER A 252 24.38 29.20 11.22
N SEP A 253 24.09 28.13 11.96
CA SEP A 253 25.02 27.68 13.00
CB SEP A 253 24.48 28.09 14.38
OG SEP A 253 24.71 29.47 14.63
C SEP A 253 25.35 26.19 12.98
O SEP A 253 25.91 25.66 13.94
P SEP A 253 23.40 30.17 15.24
O1P SEP A 253 23.58 31.77 15.20
O2P SEP A 253 22.11 29.75 14.38
O3P SEP A 253 23.21 29.71 16.77
N GLY A 254 25.00 25.51 11.89
CA GLY A 254 25.30 24.10 11.75
C GLY A 254 24.52 23.20 12.70
N HIS A 255 23.45 23.74 13.27
CA HIS A 255 22.63 22.98 14.20
C HIS A 255 21.95 21.82 13.48
N LEU A 256 21.69 20.75 14.22
CA LEU A 256 21.15 19.53 13.61
C LEU A 256 20.55 18.67 14.72
N ASN A 257 19.22 18.56 14.73
CA ASN A 257 18.53 17.72 15.70
C ASN A 257 17.19 17.30 15.10
N ALA A 258 16.24 16.92 15.97
CA ALA A 258 14.96 16.42 15.50
C ALA A 258 14.14 17.51 14.85
N ARG A 259 14.17 18.72 15.40
CA ARG A 259 13.43 19.84 14.82
C ARG A 259 13.95 20.18 13.42
N SER A 260 15.26 20.02 13.21
CA SER A 260 15.82 20.20 11.88
C SER A 260 15.24 19.17 10.91
N ASP A 261 15.21 17.91 11.32
CA ASP A 261 14.52 16.87 10.56
C ASP A 261 13.08 17.28 10.24
N VAL A 262 12.41 17.93 11.21
CA VAL A 262 11.02 18.33 11.01
C VAL A 262 10.93 19.37 9.89
N TYR A 263 11.80 20.38 9.93
CA TYR A 263 11.81 21.38 8.86
C TYR A 263 12.03 20.72 7.50
N SER A 264 13.05 19.85 7.42
CA SER A 264 13.32 19.17 6.15
C SER A 264 12.11 18.37 5.69
N PHE A 265 11.41 17.75 6.65
CA PHE A 265 10.18 17.05 6.32
C PHE A 265 9.13 18.00 5.74
N GLY A 266 9.06 19.22 6.27
CA GLY A 266 8.16 20.21 5.69
C GLY A 266 8.51 20.51 4.25
N VAL A 267 9.80 20.66 3.94
CA VAL A 267 10.20 20.86 2.55
C VAL A 267 9.77 19.67 1.70
N LEU A 268 9.97 18.45 2.21
CA LEU A 268 9.53 17.26 1.48
C LEU A 268 8.03 17.30 1.23
N LEU A 269 7.24 17.72 2.22
CA LEU A 269 5.80 17.85 2.05
C LEU A 269 5.46 18.83 0.93
N LEU A 270 6.18 19.96 0.87
CA LEU A 270 5.97 20.88 -0.23
C LEU A 270 6.27 20.21 -1.57
N GLU A 271 7.33 19.41 -1.63
CA GLU A 271 7.64 18.69 -2.86
C GLU A 271 6.52 17.75 -3.26
N ILE A 272 5.99 16.99 -2.29
CA ILE A 272 4.92 16.05 -2.58
C ILE A 272 3.66 16.77 -3.04
N LEU A 273 3.35 17.91 -2.43
CA LEU A 273 2.12 18.62 -2.75
C LEU A 273 2.21 19.30 -4.10
N SER A 274 3.37 19.86 -4.44
CA SER A 274 3.50 20.65 -5.65
C SER A 274 4.07 19.86 -6.83
N GLY A 275 4.77 18.76 -6.59
CA GLY A 275 5.43 18.06 -7.67
C GLY A 275 6.66 18.75 -8.19
N LYS A 276 7.20 19.71 -7.45
CA LYS A 276 8.37 20.47 -7.85
C LYS A 276 9.54 20.16 -6.92
N ARG A 277 10.74 20.18 -7.47
CA ARG A 277 11.94 19.89 -6.67
C ARG A 277 12.18 21.00 -5.65
N ALA A 278 12.78 20.61 -4.53
CA ALA A 278 13.04 21.57 -3.45
C ALA A 278 14.02 22.66 -3.90
N LEU A 279 14.99 22.29 -4.72
CA LEU A 279 16.02 23.23 -5.18
C LEU A 279 16.17 23.07 -6.68
N ASP A 280 15.86 24.12 -7.43
CA ASP A 280 15.93 24.11 -8.89
C ASP A 280 16.63 25.37 -9.37
N HIS A 281 17.75 25.20 -10.07
CA HIS A 281 18.49 26.35 -10.59
C HIS A 281 17.82 26.92 -11.85
N ASN A 282 17.05 26.10 -12.57
CA ASN A 282 16.34 26.56 -13.76
C ASN A 282 15.07 27.31 -13.38
N ARG A 283 15.09 27.96 -12.23
CA ARG A 283 13.99 28.75 -11.67
C ARG A 283 14.47 30.18 -11.46
N PRO A 284 13.57 31.16 -11.54
CA PRO A 284 13.99 32.55 -11.35
C PRO A 284 14.68 32.78 -10.01
N ALA A 285 15.47 33.86 -9.96
CA ALA A 285 16.17 34.22 -8.75
C ALA A 285 15.19 34.47 -7.61
N LYS A 286 15.66 34.22 -6.38
CA LYS A 286 14.86 34.36 -5.17
C LYS A 286 13.70 33.36 -5.14
N GLU A 287 13.57 32.55 -6.19
CA GLU A 287 12.61 31.46 -6.23
C GLU A 287 13.24 30.11 -6.51
N GLU A 288 14.56 30.04 -6.65
CA GLU A 288 15.23 28.76 -6.86
C GLU A 288 15.00 27.80 -5.70
N ASN A 289 14.68 28.31 -4.52
CA ASN A 289 14.32 27.49 -3.37
C ASN A 289 12.81 27.35 -3.32
N LEU A 290 12.34 26.11 -3.14
CA LEU A 290 10.91 25.85 -3.22
C LEU A 290 10.13 26.58 -2.11
N VAL A 291 10.71 26.63 -0.91
CA VAL A 291 10.06 27.34 0.20
C VAL A 291 9.92 28.83 -0.14
N ASP A 292 10.94 29.41 -0.77
CA ASP A 292 10.88 30.82 -1.12
C ASP A 292 9.88 31.07 -2.25
N TRP A 293 9.86 30.19 -3.25
CA TRP A 293 8.87 30.32 -4.33
C TRP A 293 7.45 30.17 -3.79
N ALA A 294 7.25 29.32 -2.78
CA ALA A 294 5.92 29.05 -2.25
C ALA A 294 5.48 30.03 -1.17
N ARG A 295 6.42 30.78 -0.59
CA ARG A 295 6.09 31.67 0.53
C ARG A 295 4.94 32.63 0.25
N PRO A 296 4.91 33.37 -0.87
CA PRO A 296 3.77 34.27 -1.10
C PRO A 296 2.46 33.55 -1.35
N TYR A 297 2.50 32.28 -1.77
CA TYR A 297 1.27 31.52 -1.97
C TYR A 297 0.73 30.90 -0.70
N LEU A 298 1.57 30.69 0.31
CA LEU A 298 1.16 30.10 1.58
C LEU A 298 0.50 31.09 2.52
N THR A 299 -0.29 32.03 1.98
CA THR A 299 -0.89 33.08 2.79
C THR A 299 -2.41 32.98 2.90
N SER A 300 -3.06 32.27 1.99
CA SER A 300 -4.49 32.04 2.07
C SER A 300 -4.80 30.70 1.42
N LYS A 301 -6.01 30.22 1.66
CA LYS A 301 -6.45 28.94 1.10
C LYS A 301 -6.46 28.98 -0.42
N ARG A 302 -7.08 30.02 -0.99
CA ARG A 302 -7.13 30.21 -2.43
C ARG A 302 -5.73 30.19 -3.04
N LYS A 303 -4.80 30.94 -2.44
CA LYS A 303 -3.43 30.95 -2.96
C LYS A 303 -2.70 29.66 -2.66
N VAL A 304 -3.05 28.97 -1.56
CA VAL A 304 -2.45 27.67 -1.27
C VAL A 304 -2.78 26.68 -2.39
N LEU A 305 -4.04 26.66 -2.84
CA LEU A 305 -4.44 25.76 -3.91
C LEU A 305 -3.68 26.01 -5.21
N LEU A 306 -3.10 27.21 -5.38
CA LEU A 306 -2.41 27.53 -6.62
C LEU A 306 -1.11 26.76 -6.79
N ILE A 307 -0.52 26.22 -5.73
CA ILE A 307 0.74 25.50 -5.82
C ILE A 307 0.55 24.00 -5.86
N VAL A 308 -0.69 23.51 -5.77
CA VAL A 308 -0.94 22.08 -5.88
C VAL A 308 -0.59 21.63 -7.30
N ASP A 309 0.13 20.51 -7.40
CA ASP A 309 0.45 19.88 -8.67
C ASP A 309 -0.76 19.84 -9.60
N ASN A 310 -0.65 20.52 -10.75
CA ASN A 310 -1.77 20.57 -11.67
C ASN A 310 -2.13 19.20 -12.25
N ARG A 311 -1.19 18.25 -12.21
CA ARG A 311 -1.46 16.88 -12.63
C ARG A 311 -2.37 16.13 -11.67
N LEU A 312 -2.66 16.71 -10.50
CA LEU A 312 -3.54 16.11 -9.51
C LEU A 312 -4.96 16.62 -9.60
N ASP A 313 -5.29 17.39 -10.65
CA ASP A 313 -6.60 17.99 -10.78
C ASP A 313 -7.71 16.95 -10.68
N THR A 314 -8.76 17.29 -9.93
CA THR A 314 -10.00 16.56 -9.68
C THR A 314 -9.79 15.37 -8.72
N GLN A 315 -8.57 15.06 -8.30
CA GLN A 315 -8.34 13.91 -7.45
C GLN A 315 -8.51 14.21 -5.97
N TYR A 316 -8.32 15.46 -5.56
CA TYR A 316 -8.32 15.82 -4.15
C TYR A 316 -9.48 16.75 -3.84
N LEU A 317 -9.92 16.71 -2.58
CA LEU A 317 -10.76 17.78 -2.09
C LEU A 317 -9.88 18.96 -1.66
N PRO A 318 -10.32 20.20 -1.92
CA PRO A 318 -9.45 21.35 -1.62
C PRO A 318 -8.96 21.40 -0.18
N GLU A 319 -9.81 21.02 0.77
CA GLU A 319 -9.43 21.01 2.17
C GLU A 319 -8.33 20.00 2.47
N GLU A 320 -8.19 18.96 1.66
CA GLU A 320 -7.12 17.99 1.87
C GLU A 320 -5.77 18.59 1.51
N ALA A 321 -5.68 19.21 0.33
CA ALA A 321 -4.46 19.91 -0.05
C ALA A 321 -4.14 21.04 0.90
N VAL A 322 -5.17 21.77 1.34
CA VAL A 322 -4.96 22.84 2.32
C VAL A 322 -4.43 22.26 3.63
N ARG A 323 -4.90 21.07 4.01
CA ARG A 323 -4.40 20.46 5.23
C ARG A 323 -2.93 20.08 5.12
N MET A 324 -2.57 19.41 4.02
CA MET A 324 -1.16 19.05 3.82
C MET A 324 -0.27 20.28 3.78
N ALA A 325 -0.71 21.34 3.10
CA ALA A 325 0.06 22.58 3.08
C ALA A 325 0.16 23.19 4.46
N SER A 326 -0.88 23.06 5.28
CA SER A 326 -0.84 23.58 6.64
C SER A 326 0.20 22.84 7.48
N VAL A 327 0.18 21.50 7.43
CA VAL A 327 1.20 20.71 8.13
C VAL A 327 2.58 21.11 7.67
N ALA A 328 2.76 21.27 6.35
CA ALA A 328 4.07 21.67 5.83
C ALA A 328 4.50 23.03 6.37
N VAL A 329 3.58 24.00 6.39
CA VAL A 329 3.93 25.34 6.83
C VAL A 329 4.29 25.35 8.30
N GLN A 330 3.57 24.59 9.12
CA GLN A 330 3.92 24.50 10.54
C GLN A 330 5.26 23.81 10.74
N CYS A 331 5.54 22.78 9.93
CA CYS A 331 6.86 22.17 9.95
C CYS A 331 7.96 23.15 9.55
N LEU A 332 7.63 24.10 8.66
CA LEU A 332 8.60 25.05 8.14
C LEU A 332 8.73 26.31 8.99
N SER A 333 8.24 26.29 10.23
CA SER A 333 8.35 27.47 11.09
C SER A 333 9.81 27.81 11.35
N PHE A 334 10.12 29.11 11.32
CA PHE A 334 11.51 29.54 11.38
C PHE A 334 12.14 29.18 12.73
N GLU A 335 11.43 29.43 13.82
CA GLU A 335 11.92 29.05 15.14
C GLU A 335 11.69 27.56 15.34
N PRO A 336 12.74 26.76 15.55
CA PRO A 336 12.55 25.30 15.69
C PRO A 336 11.51 24.90 16.72
N LYS A 337 11.40 25.64 17.82
CA LYS A 337 10.47 25.26 18.89
C LYS A 337 9.02 25.54 18.54
N SER A 338 8.73 26.19 17.40
CA SER A 338 7.37 26.31 16.91
C SER A 338 6.96 25.14 16.03
N ARG A 339 7.92 24.39 15.49
CA ARG A 339 7.60 23.24 14.67
C ARG A 339 7.01 22.12 15.52
N PRO A 340 6.02 21.39 15.03
CA PRO A 340 5.48 20.25 15.79
C PRO A 340 6.47 19.09 15.80
N THR A 341 6.19 18.13 16.68
CA THR A 341 6.95 16.89 16.69
C THR A 341 6.48 15.99 15.55
N MET A 342 7.29 14.97 15.24
CA MET A 342 6.92 14.07 14.15
C MET A 342 5.72 13.21 14.54
N ASP A 343 5.54 12.93 15.82
CA ASP A 343 4.31 12.28 16.27
C ASP A 343 3.07 13.11 15.91
N GLN A 344 3.14 14.43 16.11
CA GLN A 344 1.99 15.28 15.81
C GLN A 344 1.68 15.32 14.32
N VAL A 345 2.71 15.46 13.47
CA VAL A 345 2.46 15.41 12.04
C VAL A 345 1.96 14.02 11.63
N VAL A 346 2.41 12.97 12.32
CA VAL A 346 1.88 11.64 12.06
C VAL A 346 0.39 11.59 12.35
N ARG A 347 -0.04 12.21 13.46
CA ARG A 347 -1.46 12.24 13.76
C ARG A 347 -2.23 13.00 12.68
N ALA A 348 -1.74 14.20 12.32
CA ALA A 348 -2.42 15.01 11.32
C ALA A 348 -2.53 14.29 9.98
N LEU A 349 -1.40 13.81 9.46
CA LEU A 349 -1.39 13.11 8.19
C LEU A 349 -2.22 11.83 8.26
N GLN A 350 -2.28 11.20 9.43
CA GLN A 350 -3.08 9.99 9.58
C GLN A 350 -4.57 10.31 9.53
N GLN A 351 -4.98 11.45 10.11
CA GLN A 351 -6.36 11.89 9.97
C GLN A 351 -6.69 12.19 8.51
N LEU A 352 -5.80 12.94 7.84
CA LEU A 352 -5.97 13.22 6.41
C LEU A 352 -6.13 11.93 5.62
N GLN A 353 -5.26 10.95 5.85
CA GLN A 353 -5.33 9.67 5.16
C GLN A 353 -6.64 8.95 5.47
N ASP A 354 -7.02 8.92 6.74
CA ASP A 354 -8.22 8.20 7.16
C ASP A 354 -9.48 8.76 6.52
N ASN A 355 -9.54 10.07 6.30
CA ASN A 355 -10.74 10.69 5.75
C ASN A 355 -10.63 11.02 4.27
N LEU A 356 -9.59 10.52 3.60
CA LEU A 356 -9.36 10.83 2.18
C LEU A 356 -10.53 10.35 1.32
N GLY A 357 -10.96 11.20 0.39
CA GLY A 357 -11.98 10.88 -0.59
C GLY A 357 -13.38 11.30 -0.21
N LYS A 358 -13.68 11.38 1.09
CA LYS A 358 -15.00 11.75 1.54
C LYS A 358 -14.97 13.10 2.25
N PRO A 359 -16.06 13.86 2.19
CA PRO A 359 -16.11 15.13 2.93
C PRO A 359 -15.90 14.97 4.42
N SER A 360 -16.33 13.84 5.00
CA SER A 360 -16.10 13.52 6.40
C SER A 360 -16.61 14.61 7.34
N VAL B 52 -4.56 -19.15 16.38
CA VAL B 52 -5.88 -18.54 16.53
C VAL B 52 -6.35 -18.62 17.98
N LYS B 53 -6.51 -17.45 18.61
CA LYS B 53 -6.90 -17.39 20.00
C LYS B 53 -8.38 -17.72 20.17
N SER B 54 -8.73 -18.23 21.35
CA SER B 54 -10.12 -18.42 21.75
C SER B 54 -10.50 -17.34 22.75
N PHE B 55 -11.70 -16.79 22.58
CA PHE B 55 -12.19 -15.72 23.43
C PHE B 55 -13.41 -16.18 24.20
N THR B 56 -13.60 -15.59 25.37
CA THR B 56 -14.85 -15.73 26.09
C THR B 56 -15.83 -14.70 25.57
N PHE B 57 -17.13 -15.02 25.67
CA PHE B 57 -18.14 -14.07 25.25
C PHE B 57 -17.99 -12.73 25.97
N ASN B 58 -17.53 -12.76 27.22
CA ASN B 58 -17.34 -11.52 27.97
C ASN B 58 -16.17 -10.71 27.44
N GLU B 59 -15.10 -11.38 27.01
CA GLU B 59 -13.94 -10.67 26.44
C GLU B 59 -14.36 -9.83 25.23
N LEU B 60 -15.05 -10.45 24.28
CA LEU B 60 -15.51 -9.70 23.11
C LEU B 60 -16.62 -8.73 23.49
N LYS B 61 -17.37 -9.04 24.54
CA LYS B 61 -18.36 -8.11 25.06
C LYS B 61 -17.71 -6.81 25.52
N LEU B 62 -16.58 -6.91 26.22
CA LEU B 62 -15.86 -5.72 26.65
C LEU B 62 -15.20 -5.01 25.48
N ALA B 63 -14.54 -5.78 24.61
CA ALA B 63 -13.76 -5.16 23.53
C ALA B 63 -14.64 -4.32 22.60
N THR B 64 -15.90 -4.70 22.41
CA THR B 64 -16.75 -4.09 21.40
C THR B 64 -17.81 -3.16 22.01
N ARG B 65 -17.49 -2.53 23.15
CA ARG B 65 -18.40 -1.58 23.78
C ARG B 65 -19.81 -2.14 23.94
N ASN B 66 -19.88 -3.39 24.39
CA ASN B 66 -21.15 -4.10 24.61
C ASN B 66 -21.85 -4.41 23.29
N PHE B 67 -21.08 -4.84 22.29
CA PHE B 67 -21.59 -5.18 20.96
C PHE B 67 -22.36 -4.01 20.34
N ARG B 68 -21.63 -2.91 20.14
CA ARG B 68 -22.25 -1.68 19.65
C ARG B 68 -22.36 -1.72 18.13
N PRO B 69 -23.54 -1.46 17.55
CA PRO B 69 -23.68 -1.29 16.10
C PRO B 69 -22.92 -0.06 15.60
N CYS B 80 -20.63 -4.41 8.58
CA CYS B 80 -21.83 -3.98 9.29
C CYS B 80 -21.81 -4.48 10.74
N VAL B 81 -21.01 -5.51 10.98
CA VAL B 81 -20.96 -6.17 12.27
C VAL B 81 -20.15 -5.34 13.28
N PHE B 82 -19.69 -5.94 14.38
CA PHE B 82 -19.29 -5.12 15.52
C PHE B 82 -17.79 -4.78 15.52
N LYS B 83 -17.50 -3.56 15.97
CA LYS B 83 -16.17 -3.00 16.06
C LYS B 83 -15.63 -3.14 17.49
N GLY B 84 -14.37 -3.57 17.62
CA GLY B 84 -13.78 -3.79 18.92
C GLY B 84 -12.32 -3.35 18.98
N TRP B 85 -11.76 -3.43 20.19
CA TRP B 85 -10.39 -3.05 20.47
C TRP B 85 -9.74 -4.05 21.41
N LEU B 86 -8.48 -4.37 21.14
CA LEU B 86 -7.71 -5.32 21.95
C LEU B 86 -6.28 -4.84 22.08
N ASP B 87 -5.65 -5.15 23.22
CA ASP B 87 -4.21 -4.99 23.33
C ASP B 87 -3.52 -6.02 22.45
N GLU B 88 -2.57 -5.56 21.63
CA GLU B 88 -1.98 -6.47 20.64
C GLU B 88 -1.16 -7.58 21.29
N SER B 89 -0.51 -7.31 22.43
CA SER B 89 0.33 -8.31 23.06
C SER B 89 -0.51 -9.38 23.75
N THR B 90 -1.39 -8.98 24.67
CA THR B 90 -2.17 -9.94 25.42
C THR B 90 -3.43 -10.40 24.70
N LEU B 91 -3.84 -9.68 23.65
CA LEU B 91 -5.10 -9.95 22.95
C LEU B 91 -6.29 -9.92 23.90
N THR B 92 -6.23 -9.02 24.87
CA THR B 92 -7.28 -8.77 25.84
C THR B 92 -7.93 -7.41 25.60
N PRO B 93 -9.16 -7.21 26.06
CA PRO B 93 -9.87 -5.95 25.77
C PRO B 93 -9.18 -4.75 26.39
N THR B 94 -9.10 -3.68 25.62
CA THR B 94 -8.60 -2.37 26.06
C THR B 94 -9.64 -1.30 25.76
N LYS B 95 -9.34 -0.07 26.21
CA LYS B 95 -10.26 1.02 25.98
C LYS B 95 -10.34 1.33 24.48
N PRO B 96 -11.45 1.89 24.01
CA PRO B 96 -11.57 2.19 22.58
C PRO B 96 -10.56 3.23 22.12
N GLY B 97 -10.16 3.12 20.86
CA GLY B 97 -9.21 4.03 20.26
C GLY B 97 -7.75 3.66 20.45
N THR B 98 -7.45 2.55 21.11
CA THR B 98 -6.09 2.15 21.38
C THR B 98 -5.85 0.73 20.89
N GLY B 99 -4.61 0.45 20.53
CA GLY B 99 -4.21 -0.91 20.21
C GLY B 99 -4.80 -1.42 18.91
N LEU B 100 -4.94 -2.74 18.83
CA LEU B 100 -5.43 -3.41 17.64
C LEU B 100 -6.94 -3.27 17.53
N VAL B 101 -7.41 -2.82 16.37
CA VAL B 101 -8.84 -2.72 16.11
C VAL B 101 -9.31 -4.02 15.47
N ILE B 102 -10.36 -4.61 16.02
CA ILE B 102 -10.87 -5.88 15.53
C ILE B 102 -12.30 -5.70 15.04
N ALA B 103 -12.73 -6.68 14.25
CA ALA B 103 -14.12 -6.80 13.82
C ALA B 103 -14.63 -8.17 14.27
N VAL B 104 -15.70 -8.18 15.04
CA VAL B 104 -16.31 -9.42 15.53
C VAL B 104 -17.63 -9.62 14.81
N LYS B 105 -17.79 -10.82 14.27
CA LYS B 105 -18.92 -11.22 13.43
C LYS B 105 -19.75 -12.27 14.16
N LYS B 106 -21.06 -12.03 14.24
CA LYS B 106 -21.98 -13.00 14.81
C LYS B 106 -22.37 -14.04 13.76
N LEU B 107 -22.21 -15.31 14.11
CA LEU B 107 -22.51 -16.41 13.19
C LEU B 107 -23.63 -17.27 13.78
N ASN B 108 -24.72 -17.37 13.03
CA ASN B 108 -25.75 -18.36 13.33
C ASN B 108 -25.30 -19.72 12.86
N GLN B 109 -25.76 -20.76 13.54
CA GLN B 109 -25.49 -22.11 13.07
C GLN B 109 -26.18 -22.36 11.73
N GLU B 110 -25.38 -22.68 10.71
CA GLU B 110 -25.89 -22.98 9.38
C GLU B 110 -25.71 -24.47 9.09
N GLY B 111 -26.75 -25.08 8.53
CA GLY B 111 -26.71 -26.49 8.21
C GLY B 111 -26.54 -27.40 9.40
N PHE B 112 -26.94 -26.96 10.59
CA PHE B 112 -26.87 -27.76 11.81
C PHE B 112 -25.45 -28.23 12.11
N GLN B 113 -24.45 -27.45 11.70
CA GLN B 113 -23.06 -27.77 11.97
C GLN B 113 -22.82 -27.88 13.48
N GLY B 114 -22.11 -28.93 13.87
CA GLY B 114 -21.81 -29.15 15.27
C GLY B 114 -20.60 -28.37 15.75
N HIS B 115 -20.45 -28.33 17.08
CA HIS B 115 -19.30 -27.66 17.69
C HIS B 115 -17.99 -28.16 17.08
N ARG B 116 -17.85 -29.47 16.95
CA ARG B 116 -16.60 -30.08 16.51
C ARG B 116 -16.31 -29.72 15.05
N GLU B 117 -17.31 -29.84 14.17
CA GLU B 117 -17.13 -29.47 12.77
C GLU B 117 -16.68 -28.02 12.65
N TRP B 118 -17.37 -27.12 13.35
CA TRP B 118 -17.06 -25.70 13.28
C TRP B 118 -15.65 -25.42 13.76
N LEU B 119 -15.27 -25.98 14.92
CA LEU B 119 -13.91 -25.81 15.42
C LEU B 119 -12.88 -26.34 14.42
N THR B 120 -13.21 -27.41 13.70
CA THR B 120 -12.27 -27.93 12.70
C THR B 120 -12.14 -26.96 11.53
N GLU B 121 -13.26 -26.40 11.05
CA GLU B 121 -13.20 -25.42 9.98
C GLU B 121 -12.41 -24.19 10.39
N ILE B 122 -12.65 -23.69 11.60
CA ILE B 122 -11.86 -22.59 12.14
C ILE B 122 -10.38 -22.95 12.16
N ASN B 123 -10.07 -24.19 12.57
CA ASN B 123 -8.68 -24.60 12.67
C ASN B 123 -8.01 -24.59 11.31
N TYR B 124 -8.71 -25.03 10.26
CA TYR B 124 -8.14 -24.96 8.92
C TYR B 124 -8.03 -23.51 8.45
N LEU B 125 -8.99 -22.66 8.81
CA LEU B 125 -8.94 -21.26 8.42
C LEU B 125 -7.72 -20.56 9.03
N GLY B 126 -7.36 -20.93 10.26
CA GLY B 126 -6.19 -20.35 10.89
C GLY B 126 -4.90 -20.67 10.17
N GLN B 127 -4.88 -21.74 9.37
CA GLN B 127 -3.71 -22.10 8.57
C GLN B 127 -3.62 -21.31 7.27
N LEU B 128 -4.65 -20.55 6.91
CA LEU B 128 -4.71 -19.85 5.63
C LEU B 128 -4.22 -18.41 5.76
N SER B 129 -3.08 -18.23 6.41
CA SER B 129 -2.48 -16.90 6.52
C SER B 129 -1.97 -16.45 5.16
N HIS B 130 -2.33 -15.22 4.78
CA HIS B 130 -1.90 -14.67 3.51
C HIS B 130 -2.07 -13.16 3.56
N PRO B 131 -1.15 -12.38 2.99
CA PRO B 131 -1.29 -10.92 3.03
C PRO B 131 -2.54 -10.40 2.33
N ASN B 132 -3.17 -11.19 1.47
CA ASN B 132 -4.35 -10.75 0.72
C ASN B 132 -5.61 -11.51 1.13
N LEU B 133 -5.62 -12.09 2.33
CA LEU B 133 -6.82 -12.62 2.95
C LEU B 133 -6.99 -11.94 4.31
N VAL B 134 -8.23 -11.56 4.64
CA VAL B 134 -8.48 -10.93 5.92
C VAL B 134 -8.06 -11.86 7.04
N LYS B 135 -7.25 -11.35 7.96
CA LYS B 135 -6.64 -12.18 8.99
C LYS B 135 -7.67 -12.60 10.02
N LEU B 136 -7.80 -13.91 10.23
CA LEU B 136 -8.62 -14.42 11.32
C LEU B 136 -7.83 -14.34 12.62
N ILE B 137 -8.33 -13.56 13.57
CA ILE B 137 -7.63 -13.37 14.83
C ILE B 137 -8.10 -14.38 15.88
N GLY B 138 -9.40 -14.63 15.95
CA GLY B 138 -9.90 -15.54 16.96
C GLY B 138 -11.35 -15.91 16.74
N TYR B 139 -11.95 -16.46 17.78
CA TYR B 139 -13.32 -16.93 17.71
C TYR B 139 -13.87 -17.03 19.13
N CYS B 140 -15.16 -17.32 19.23
CA CYS B 140 -15.81 -17.53 20.52
C CYS B 140 -16.87 -18.59 20.36
N LEU B 141 -16.83 -19.59 21.24
CA LEU B 141 -17.82 -20.67 21.28
C LEU B 141 -18.09 -20.96 22.76
N GLU B 142 -19.24 -20.48 23.24
CA GLU B 142 -19.53 -20.59 24.66
C GLU B 142 -20.88 -21.28 24.87
N ASP B 143 -21.86 -20.53 25.36
CA ASP B 143 -23.23 -21.05 25.53
C ASP B 143 -24.04 -20.78 24.26
N GLU B 144 -23.73 -21.59 23.24
CA GLU B 144 -24.33 -21.51 21.90
C GLU B 144 -23.88 -20.28 21.13
N HIS B 145 -23.14 -19.38 21.77
CA HIS B 145 -22.60 -18.23 21.07
C HIS B 145 -21.50 -18.67 20.11
N ARG B 146 -21.55 -18.17 18.88
CA ARG B 146 -20.53 -18.43 17.87
C ARG B 146 -20.12 -17.11 17.23
N LEU B 147 -18.91 -16.65 17.53
CA LEU B 147 -18.42 -15.37 17.02
C LEU B 147 -17.06 -15.59 16.35
N LEU B 148 -16.77 -14.76 15.36
CA LEU B 148 -15.47 -14.76 14.73
C LEU B 148 -14.81 -13.39 14.91
N VAL B 149 -13.48 -13.38 14.98
CA VAL B 149 -12.72 -12.17 15.26
C VAL B 149 -11.68 -12.01 14.16
N TYR B 150 -11.86 -11.03 13.30
CA TYR B 150 -10.94 -10.71 12.23
C TYR B 150 -10.29 -9.36 12.49
N GLU B 151 -9.21 -9.10 11.77
CA GLU B 151 -8.65 -7.76 11.75
C GLU B 151 -9.67 -6.79 11.16
N PHE B 152 -9.74 -5.60 11.74
CA PHE B 152 -10.61 -4.57 11.20
C PHE B 152 -9.96 -3.94 9.98
N MET B 153 -10.71 -3.85 8.88
CA MET B 153 -10.22 -3.26 7.64
C MET B 153 -10.69 -1.82 7.62
N GLN B 154 -9.75 -0.89 7.82
CA GLN B 154 -10.10 0.49 8.13
C GLN B 154 -10.87 1.18 7.02
N LYS B 155 -10.61 0.82 5.76
CA LYS B 155 -11.17 1.54 4.63
C LYS B 155 -12.36 0.83 3.98
N GLY B 156 -12.89 -0.22 4.62
CA GLY B 156 -14.12 -0.79 4.13
C GLY B 156 -13.95 -1.56 2.82
N SER B 157 -15.08 -1.75 2.14
CA SER B 157 -15.12 -2.55 0.93
C SER B 157 -14.75 -1.70 -0.28
N LEU B 158 -14.30 -2.39 -1.34
CA LEU B 158 -13.94 -1.72 -2.59
C LEU B 158 -15.10 -0.92 -3.16
N GLU B 159 -16.35 -1.37 -2.91
CA GLU B 159 -17.53 -0.67 -3.42
C GLU B 159 -17.49 0.81 -3.08
N ASN B 160 -17.28 1.13 -1.80
CA ASN B 160 -17.32 2.51 -1.34
C ASN B 160 -16.25 3.37 -2.02
N HIS B 161 -15.27 2.74 -2.65
CA HIS B 161 -14.17 3.47 -3.30
C HIS B 161 -14.26 3.45 -4.82
N LEU B 162 -15.33 2.90 -5.40
CA LEU B 162 -15.49 2.86 -6.85
C LEU B 162 -16.75 3.58 -7.31
N PHE B 163 -17.89 3.32 -6.68
CA PHE B 163 -19.17 3.80 -7.18
C PHE B 163 -19.56 5.10 -6.50
N ARG B 164 -20.59 5.03 -5.65
CA ARG B 164 -20.98 6.10 -4.73
C ARG B 164 -21.45 7.37 -5.44
N ARG B 165 -22.69 7.80 -5.16
CA ARG B 165 -23.17 9.09 -5.65
C ARG B 165 -22.25 10.21 -5.18
N GLY B 166 -21.38 10.67 -6.08
CA GLY B 166 -20.25 11.51 -5.74
C GLY B 166 -20.54 12.96 -5.41
N ALA B 167 -20.18 13.84 -6.35
CA ALA B 167 -20.11 15.29 -6.19
C ALA B 167 -18.91 15.67 -5.32
N TYR B 168 -18.92 15.25 -4.06
CA TYR B 168 -17.78 15.47 -3.17
C TYR B 168 -17.06 14.18 -2.79
N PHE B 169 -17.20 13.14 -3.61
CA PHE B 169 -16.54 11.87 -3.38
C PHE B 169 -15.53 11.59 -4.49
N LYS B 170 -14.37 11.07 -4.10
CA LYS B 170 -13.30 10.73 -5.01
C LYS B 170 -13.04 9.23 -4.97
N PRO B 171 -13.05 8.54 -6.11
CA PRO B 171 -12.80 7.09 -6.11
C PRO B 171 -11.30 6.82 -6.06
N LEU B 172 -10.96 5.53 -6.06
CA LEU B 172 -9.56 5.15 -6.10
C LEU B 172 -8.92 5.66 -7.39
N PRO B 173 -7.71 6.17 -7.33
CA PRO B 173 -7.00 6.51 -8.57
C PRO B 173 -6.53 5.27 -9.31
N TRP B 174 -5.92 5.45 -10.49
CA TRP B 174 -5.59 4.32 -11.36
C TRP B 174 -4.58 3.38 -10.70
N PHE B 175 -3.51 3.95 -10.13
CA PHE B 175 -2.47 3.12 -9.54
C PHE B 175 -3.04 2.20 -8.47
N LEU B 176 -3.90 2.74 -7.59
CA LEU B 176 -4.47 1.92 -6.54
C LEU B 176 -5.50 0.94 -7.07
N ARG B 177 -6.14 1.25 -8.20
CA ARG B 177 -7.02 0.27 -8.82
C ARG B 177 -6.23 -0.93 -9.34
N VAL B 178 -5.09 -0.67 -9.98
CA VAL B 178 -4.22 -1.75 -10.42
C VAL B 178 -3.72 -2.56 -9.22
N ASN B 179 -3.26 -1.86 -8.18
CA ASN B 179 -2.71 -2.54 -7.01
C ASN B 179 -3.78 -3.38 -6.31
N VAL B 180 -5.01 -2.86 -6.22
CA VAL B 180 -6.09 -3.61 -5.56
C VAL B 180 -6.47 -4.83 -6.37
N ALA B 181 -6.60 -4.67 -7.70
CA ALA B 181 -6.86 -5.83 -8.55
C ALA B 181 -5.79 -6.90 -8.37
N LEU B 182 -4.52 -6.47 -8.35
CA LEU B 182 -3.42 -7.41 -8.15
C LEU B 182 -3.53 -8.11 -6.79
N ASP B 183 -3.91 -7.38 -5.75
CA ASP B 183 -4.01 -7.97 -4.42
C ASP B 183 -5.11 -9.03 -4.38
N ALA B 184 -6.31 -8.67 -4.84
CA ALA B 184 -7.39 -9.66 -4.92
C ALA B 184 -6.97 -10.88 -5.72
N ALA B 185 -6.26 -10.66 -6.84
CA ALA B 185 -5.79 -11.78 -7.64
C ALA B 185 -4.83 -12.66 -6.85
N LYS B 186 -3.97 -12.06 -6.03
CA LYS B 186 -3.03 -12.85 -5.25
C LYS B 186 -3.74 -13.68 -4.19
N GLY B 187 -4.74 -13.08 -3.53
CA GLY B 187 -5.52 -13.85 -2.56
C GLY B 187 -6.24 -15.03 -3.20
N LEU B 188 -6.94 -14.77 -4.30
CA LEU B 188 -7.68 -15.84 -4.96
C LEU B 188 -6.75 -16.92 -5.49
N ALA B 189 -5.59 -16.51 -6.03
CA ALA B 189 -4.63 -17.49 -6.52
C ALA B 189 -4.08 -18.33 -5.37
N PHE B 190 -3.89 -17.71 -4.20
CA PHE B 190 -3.51 -18.49 -3.03
C PHE B 190 -4.59 -19.51 -2.68
N LEU B 191 -5.86 -19.10 -2.74
CA LEU B 191 -6.93 -20.05 -2.46
C LEU B 191 -6.97 -21.18 -3.48
N HIS B 192 -6.59 -20.90 -4.73
CA HIS B 192 -6.58 -21.92 -5.78
C HIS B 192 -5.31 -22.75 -5.81
N SER B 193 -4.30 -22.41 -5.01
CA SER B 193 -3.02 -23.08 -5.07
C SER B 193 -3.12 -24.55 -4.68
N ASP B 194 -2.10 -25.31 -5.06
CA ASP B 194 -2.13 -26.77 -4.82
C ASP B 194 -2.30 -27.15 -3.36
N PRO B 195 -1.64 -26.52 -2.39
CA PRO B 195 -1.84 -26.94 -0.99
C PRO B 195 -3.10 -26.42 -0.33
N VAL B 196 -3.93 -25.64 -1.03
CA VAL B 196 -5.11 -25.05 -0.39
C VAL B 196 -6.38 -25.59 -1.04
N LYS B 197 -6.55 -25.34 -2.33
CA LYS B 197 -7.67 -25.86 -3.12
C LYS B 197 -9.02 -25.44 -2.56
N VAL B 198 -9.24 -24.13 -2.52
CA VAL B 198 -10.47 -23.55 -2.00
C VAL B 198 -11.11 -22.71 -3.10
N ILE B 199 -12.42 -22.87 -3.30
CA ILE B 199 -13.19 -22.08 -4.23
C ILE B 199 -13.87 -20.96 -3.46
N TYR B 200 -13.61 -19.71 -3.87
CA TYR B 200 -14.13 -18.57 -3.12
C TYR B 200 -15.62 -18.38 -3.34
N ARG B 201 -16.09 -18.63 -4.57
CA ARG B 201 -17.51 -18.61 -4.94
C ARG B 201 -18.10 -17.21 -4.95
N ASP B 202 -17.61 -16.32 -4.08
CA ASP B 202 -18.23 -15.02 -3.86
C ASP B 202 -17.28 -13.88 -4.22
N ILE B 203 -16.58 -14.01 -5.34
CA ILE B 203 -15.75 -12.92 -5.84
C ILE B 203 -16.67 -11.75 -6.20
N LYS B 204 -16.63 -10.71 -5.40
CA LYS B 204 -17.47 -9.54 -5.58
C LYS B 204 -16.74 -8.31 -5.05
N ALA B 205 -17.11 -7.14 -5.59
CA ALA B 205 -16.56 -5.89 -5.09
C ALA B 205 -16.91 -5.68 -3.62
N SER B 206 -18.07 -6.17 -3.19
CA SER B 206 -18.47 -6.08 -1.79
C SER B 206 -17.54 -6.84 -0.87
N ASN B 207 -16.82 -7.85 -1.38
CA ASN B 207 -15.98 -8.71 -0.57
C ASN B 207 -14.49 -8.41 -0.75
N ILE B 208 -14.14 -7.33 -1.45
CA ILE B 208 -12.78 -6.82 -1.46
C ILE B 208 -12.69 -5.73 -0.40
N LEU B 209 -12.00 -6.02 0.69
CA LEU B 209 -11.83 -5.06 1.78
C LEU B 209 -10.46 -4.39 1.71
N LEU B 210 -10.40 -3.14 2.16
CA LEU B 210 -9.18 -2.35 2.13
C LEU B 210 -8.78 -1.95 3.54
N ASP B 211 -7.49 -2.05 3.85
CA ASP B 211 -6.99 -1.60 5.14
C ASP B 211 -6.61 -0.13 5.06
N ALA B 212 -6.02 0.40 6.14
CA ALA B 212 -5.69 1.82 6.21
C ALA B 212 -4.60 2.24 5.22
N ASP B 213 -3.92 1.29 4.56
CA ASP B 213 -2.94 1.60 3.54
C ASP B 213 -3.36 1.13 2.15
N TYR B 214 -4.66 0.98 1.93
CA TYR B 214 -5.23 0.56 0.65
C TYR B 214 -4.82 -0.85 0.23
N ASN B 215 -4.28 -1.64 1.16
CA ASN B 215 -4.04 -3.05 0.87
C ASN B 215 -5.36 -3.79 0.76
N ALA B 216 -5.57 -4.48 -0.35
CA ALA B 216 -6.81 -5.20 -0.60
C ALA B 216 -6.70 -6.64 -0.14
N LYS B 217 -7.77 -7.14 0.48
CA LYS B 217 -7.84 -8.51 0.97
C LYS B 217 -9.24 -9.06 0.71
N LEU B 218 -9.29 -10.36 0.45
CA LEU B 218 -10.58 -11.02 0.27
C LEU B 218 -11.31 -11.10 1.61
N SER B 219 -12.59 -10.73 1.60
CA SER B 219 -13.37 -10.75 2.82
C SER B 219 -13.50 -12.17 3.36
N ASP B 220 -13.94 -12.27 4.62
CA ASP B 220 -14.08 -13.55 5.28
C ASP B 220 -15.05 -14.47 4.51
N PHE B 221 -14.76 -15.77 4.58
CA PHE B 221 -15.49 -16.75 3.79
C PHE B 221 -15.58 -18.05 4.57
N GLY B 222 -16.68 -18.77 4.37
CA GLY B 222 -16.81 -20.09 4.95
C GLY B 222 -16.12 -21.15 4.12
N LEU B 223 -16.09 -22.36 4.67
CA LEU B 223 -15.46 -23.48 3.98
C LEU B 223 -16.49 -24.53 3.56
N TYR B 243 -24.33 -13.19 -7.03
CA TYR B 243 -25.36 -12.64 -7.91
C TYR B 243 -24.88 -11.37 -8.57
N GLY B 244 -24.79 -11.40 -9.90
CA GLY B 244 -24.26 -10.31 -10.69
C GLY B 244 -22.95 -10.67 -11.38
N TYR B 245 -22.16 -11.56 -10.78
CA TYR B 245 -20.90 -12.02 -11.34
C TYR B 245 -20.98 -13.46 -11.83
N ALA B 246 -22.18 -14.05 -11.86
CA ALA B 246 -22.32 -15.48 -12.13
C ALA B 246 -21.70 -15.89 -13.45
N ALA B 247 -20.92 -16.96 -13.40
CA ALA B 247 -20.35 -17.54 -14.60
C ALA B 247 -21.45 -18.17 -15.45
N PRO B 248 -21.21 -18.31 -16.75
CA PRO B 248 -22.22 -18.95 -17.61
C PRO B 248 -22.54 -20.38 -17.20
N GLU B 249 -21.52 -21.21 -16.98
CA GLU B 249 -21.74 -22.58 -16.55
C GLU B 249 -22.47 -22.65 -15.21
N TYR B 250 -22.43 -21.60 -14.40
CA TYR B 250 -23.21 -21.56 -13.17
C TYR B 250 -24.66 -21.23 -13.45
N MET B 251 -24.90 -20.25 -14.32
CA MET B 251 -26.27 -19.91 -14.70
C MET B 251 -26.98 -21.11 -15.31
N SER B 252 -26.32 -21.80 -16.23
CA SER B 252 -26.95 -22.92 -16.94
C SER B 252 -27.10 -24.18 -16.09
N SEP B 253 -26.01 -24.65 -15.49
CA SEP B 253 -26.02 -25.96 -14.83
CB SEP B 253 -25.15 -26.94 -15.62
OG SEP B 253 -25.82 -27.38 -16.79
C SEP B 253 -25.61 -25.94 -13.36
O SEP B 253 -25.38 -26.99 -12.77
P SEP B 253 -24.84 -27.32 -18.06
O1P SEP B 253 -24.09 -25.89 -18.07
O2P SEP B 253 -25.69 -27.49 -19.42
O3P SEP B 253 -23.75 -28.50 -17.98
N GLY B 254 -25.52 -24.75 -12.77
CA GLY B 254 -25.16 -24.64 -11.36
C GLY B 254 -23.71 -24.99 -11.06
N HIS B 255 -22.90 -25.02 -12.11
CA HIS B 255 -21.49 -25.35 -11.96
C HIS B 255 -20.76 -24.30 -11.13
N LEU B 256 -19.72 -24.73 -10.43
CA LEU B 256 -19.01 -23.84 -9.50
C LEU B 256 -17.65 -24.45 -9.20
N ASN B 257 -16.59 -23.84 -9.71
CA ASN B 257 -15.22 -24.29 -9.43
C ASN B 257 -14.29 -23.10 -9.60
N ALA B 258 -12.99 -23.39 -9.82
CA ALA B 258 -11.99 -22.33 -9.90
C ALA B 258 -12.19 -21.46 -11.13
N ARG B 259 -12.51 -22.07 -12.27
CA ARG B 259 -12.74 -21.30 -13.50
C ARG B 259 -13.93 -20.37 -13.33
N SER B 260 -14.93 -20.78 -12.56
CA SER B 260 -16.05 -19.88 -12.23
C SER B 260 -15.56 -18.66 -11.48
N ASP B 261 -14.74 -18.89 -10.44
CA ASP B 261 -14.07 -17.79 -9.75
C ASP B 261 -13.33 -16.89 -10.72
N VAL B 262 -12.70 -17.47 -11.74
CA VAL B 262 -11.94 -16.68 -12.71
C VAL B 262 -12.87 -15.75 -13.47
N TYR B 263 -13.99 -16.29 -13.97
CA TYR B 263 -14.96 -15.45 -14.67
C TYR B 263 -15.43 -14.31 -13.78
N SER B 264 -15.83 -14.63 -12.54
CA SER B 264 -16.29 -13.59 -11.63
C SER B 264 -15.22 -12.53 -11.41
N PHE B 265 -13.95 -12.97 -11.32
CA PHE B 265 -12.84 -12.03 -11.21
C PHE B 265 -12.77 -11.13 -12.43
N GLY B 266 -13.04 -11.67 -13.62
CA GLY B 266 -13.09 -10.84 -14.81
C GLY B 266 -14.15 -9.76 -14.70
N VAL B 267 -15.32 -10.12 -14.19
CA VAL B 267 -16.36 -9.11 -13.97
C VAL B 267 -15.87 -8.04 -13.00
N LEU B 268 -15.21 -8.46 -11.92
CA LEU B 268 -14.66 -7.50 -10.97
C LEU B 268 -13.67 -6.56 -11.65
N LEU B 269 -12.81 -7.10 -12.51
CA LEU B 269 -11.87 -6.26 -13.26
C LEU B 269 -12.61 -5.23 -14.12
N LEU B 270 -13.70 -5.65 -14.78
CA LEU B 270 -14.49 -4.69 -15.53
C LEU B 270 -15.03 -3.58 -14.62
N GLU B 271 -15.49 -3.94 -13.42
CA GLU B 271 -15.95 -2.94 -12.47
C GLU B 271 -14.84 -1.96 -12.12
N ILE B 272 -13.65 -2.48 -11.82
CA ILE B 272 -12.53 -1.63 -11.43
C ILE B 272 -12.14 -0.70 -12.57
N LEU B 273 -12.16 -1.19 -13.80
CA LEU B 273 -11.72 -0.38 -14.93
C LEU B 273 -12.75 0.69 -15.29
N SER B 274 -14.04 0.36 -15.21
CA SER B 274 -15.08 1.27 -15.66
C SER B 274 -15.70 2.09 -14.53
N GLY B 275 -15.60 1.64 -13.29
CA GLY B 275 -16.28 2.32 -12.21
C GLY B 275 -17.78 2.12 -12.17
N LYS B 276 -18.29 1.13 -12.90
CA LYS B 276 -19.71 0.83 -12.93
C LYS B 276 -19.96 -0.54 -12.31
N ARG B 277 -21.10 -0.68 -11.65
CA ARG B 277 -21.44 -1.94 -11.00
C ARG B 277 -21.73 -3.02 -12.03
N ALA B 278 -21.48 -4.27 -11.62
CA ALA B 278 -21.71 -5.40 -12.52
C ALA B 278 -23.17 -5.51 -12.93
N LEU B 279 -24.09 -5.14 -12.04
CA LEU B 279 -25.52 -5.24 -12.29
C LEU B 279 -26.18 -3.92 -11.92
N ASP B 280 -26.79 -3.26 -12.90
CA ASP B 280 -27.47 -1.99 -12.68
C ASP B 280 -28.83 -2.06 -13.34
N HIS B 281 -29.90 -1.92 -12.54
CA HIS B 281 -31.25 -1.97 -13.07
C HIS B 281 -31.64 -0.68 -13.78
N ASN B 282 -31.02 0.44 -13.41
CA ASN B 282 -31.28 1.72 -14.05
C ASN B 282 -30.52 1.84 -15.36
N ARG B 283 -30.30 0.71 -16.04
CA ARG B 283 -29.60 0.64 -17.30
C ARG B 283 -30.53 0.03 -18.35
N PRO B 284 -30.36 0.40 -19.63
CA PRO B 284 -31.26 -0.14 -20.67
C PRO B 284 -31.25 -1.66 -20.72
N ALA B 285 -32.30 -2.22 -21.30
CA ALA B 285 -32.45 -3.66 -21.41
C ALA B 285 -31.27 -4.28 -22.18
N LYS B 286 -30.95 -5.51 -21.82
CA LYS B 286 -29.84 -6.28 -22.40
C LYS B 286 -28.50 -5.60 -22.11
N GLU B 287 -28.51 -4.49 -21.39
CA GLU B 287 -27.29 -3.84 -20.92
C GLU B 287 -27.24 -3.69 -19.41
N GLU B 288 -28.25 -4.17 -18.69
CA GLU B 288 -28.22 -4.14 -17.23
C GLU B 288 -27.06 -4.92 -16.67
N ASN B 289 -26.52 -5.88 -17.42
CA ASN B 289 -25.33 -6.62 -17.02
C ASN B 289 -24.10 -5.93 -17.61
N LEU B 290 -23.08 -5.73 -16.77
CA LEU B 290 -21.91 -4.97 -17.18
C LEU B 290 -21.17 -5.64 -18.32
N VAL B 291 -21.06 -6.96 -18.30
CA VAL B 291 -20.40 -7.68 -19.39
C VAL B 291 -21.14 -7.45 -20.70
N ASP B 292 -22.48 -7.44 -20.65
CA ASP B 292 -23.26 -7.23 -21.87
C ASP B 292 -23.15 -5.79 -22.35
N TRP B 293 -23.20 -4.82 -21.43
CA TRP B 293 -23.02 -3.42 -21.79
C TRP B 293 -21.63 -3.18 -22.39
N ALA B 294 -20.62 -3.91 -21.92
CA ALA B 294 -19.26 -3.70 -22.37
C ALA B 294 -18.89 -4.51 -23.60
N ARG B 295 -19.69 -5.53 -23.95
CA ARG B 295 -19.35 -6.41 -25.06
C ARG B 295 -19.05 -5.68 -26.37
N PRO B 296 -19.87 -4.74 -26.86
CA PRO B 296 -19.52 -4.07 -28.12
C PRO B 296 -18.30 -3.18 -28.02
N TYR B 297 -17.91 -2.74 -26.81
CA TYR B 297 -16.72 -1.93 -26.65
C TYR B 297 -15.46 -2.76 -26.52
N LEU B 298 -15.56 -4.02 -26.11
CA LEU B 298 -14.41 -4.90 -25.97
C LEU B 298 -13.99 -5.52 -27.30
N THR B 299 -14.10 -4.75 -28.39
CA THR B 299 -13.81 -5.25 -29.72
C THR B 299 -12.58 -4.62 -30.36
N SER B 300 -12.11 -3.48 -29.85
CA SER B 300 -10.88 -2.86 -30.33
C SER B 300 -10.25 -2.06 -29.20
N LYS B 301 -8.99 -1.68 -29.37
CA LYS B 301 -8.32 -0.86 -28.36
C LYS B 301 -9.02 0.49 -28.21
N ARG B 302 -9.26 1.18 -29.33
CA ARG B 302 -9.97 2.45 -29.29
C ARG B 302 -11.27 2.34 -28.53
N LYS B 303 -12.05 1.30 -28.83
CA LYS B 303 -13.33 1.10 -28.15
C LYS B 303 -13.13 0.68 -26.70
N VAL B 304 -12.02 0.00 -26.39
CA VAL B 304 -11.70 -0.33 -25.01
C VAL B 304 -11.54 0.93 -24.18
N LEU B 305 -10.81 1.93 -24.70
CA LEU B 305 -10.64 3.17 -23.95
C LEU B 305 -11.96 3.88 -23.67
N LEU B 306 -13.01 3.60 -24.46
CA LEU B 306 -14.27 4.29 -24.27
C LEU B 306 -14.99 3.91 -22.98
N ILE B 307 -14.67 2.75 -22.39
CA ILE B 307 -15.32 2.31 -21.15
C ILE B 307 -14.48 2.59 -19.92
N VAL B 308 -13.29 3.13 -20.08
CA VAL B 308 -12.48 3.49 -18.91
C VAL B 308 -13.19 4.60 -18.15
N ASP B 309 -13.27 4.45 -16.83
CA ASP B 309 -13.81 5.45 -15.93
C ASP B 309 -13.29 6.84 -16.30
N ASN B 310 -14.21 7.74 -16.68
CA ASN B 310 -13.80 9.08 -17.09
C ASN B 310 -13.14 9.86 -15.96
N ARG B 311 -13.38 9.46 -14.71
CA ARG B 311 -12.72 10.08 -13.56
C ARG B 311 -11.23 9.73 -13.48
N LEU B 312 -10.75 8.82 -14.32
CA LEU B 312 -9.35 8.41 -14.34
C LEU B 312 -8.54 9.15 -15.41
N ASP B 313 -9.13 10.18 -16.03
CA ASP B 313 -8.47 10.88 -17.14
C ASP B 313 -7.08 11.37 -16.75
N THR B 314 -6.13 11.17 -17.67
CA THR B 314 -4.74 11.61 -17.59
C THR B 314 -3.90 10.79 -16.62
N GLN B 315 -4.51 9.87 -15.87
CA GLN B 315 -3.76 9.11 -14.88
C GLN B 315 -3.10 7.87 -15.45
N TYR B 316 -3.65 7.30 -16.52
CA TYR B 316 -3.18 6.04 -17.05
C TYR B 316 -2.60 6.21 -18.45
N LEU B 317 -1.68 5.33 -18.80
CA LEU B 317 -1.31 5.17 -20.20
C LEU B 317 -2.32 4.26 -20.89
N PRO B 318 -2.68 4.56 -22.14
CA PRO B 318 -3.73 3.76 -22.81
C PRO B 318 -3.45 2.25 -22.80
N GLU B 319 -2.20 1.86 -22.99
CA GLU B 319 -1.83 0.44 -22.98
C GLU B 319 -2.06 -0.20 -21.62
N GLU B 320 -2.07 0.57 -20.54
CA GLU B 320 -2.33 -0.01 -19.23
C GLU B 320 -3.80 -0.40 -19.09
N ALA B 321 -4.70 0.53 -19.45
CA ALA B 321 -6.13 0.20 -19.46
C ALA B 321 -6.43 -0.92 -20.44
N VAL B 322 -5.79 -0.89 -21.62
CA VAL B 322 -5.97 -1.96 -22.58
C VAL B 322 -5.51 -3.29 -22.01
N ARG B 323 -4.44 -3.27 -21.21
CA ARG B 323 -3.97 -4.50 -20.59
C ARG B 323 -4.96 -5.04 -19.58
N MET B 324 -5.46 -4.18 -18.67
CA MET B 324 -6.45 -4.64 -17.71
C MET B 324 -7.69 -5.18 -18.41
N ALA B 325 -8.16 -4.48 -19.45
CA ALA B 325 -9.30 -4.95 -20.20
C ALA B 325 -9.02 -6.28 -20.88
N SER B 326 -7.79 -6.49 -21.34
CA SER B 326 -7.43 -7.75 -21.98
C SER B 326 -7.51 -8.90 -20.98
N VAL B 327 -6.89 -8.72 -19.81
CA VAL B 327 -6.97 -9.74 -18.77
C VAL B 327 -8.43 -10.02 -18.41
N ALA B 328 -9.23 -8.97 -18.28
CA ALA B 328 -10.64 -9.15 -17.95
C ALA B 328 -11.37 -9.95 -19.02
N VAL B 329 -11.12 -9.63 -20.30
CA VAL B 329 -11.83 -10.31 -21.37
C VAL B 329 -11.44 -11.78 -21.43
N GLN B 330 -10.15 -12.08 -21.22
CA GLN B 330 -9.74 -13.48 -21.20
C GLN B 330 -10.32 -14.22 -19.99
N CYS B 331 -10.41 -13.54 -18.84
CA CYS B 331 -11.10 -14.14 -17.70
C CYS B 331 -12.57 -14.39 -18.01
N LEU B 332 -13.18 -13.55 -18.85
CA LEU B 332 -14.59 -13.65 -19.17
C LEU B 332 -14.86 -14.57 -20.37
N SER B 333 -13.89 -15.42 -20.73
CA SER B 333 -14.08 -16.32 -21.85
C SER B 333 -15.23 -17.28 -21.58
N PHE B 334 -16.06 -17.51 -22.60
CA PHE B 334 -17.28 -18.28 -22.40
C PHE B 334 -16.96 -19.72 -22.02
N GLU B 335 -16.00 -20.33 -22.69
CA GLU B 335 -15.56 -21.67 -22.34
C GLU B 335 -14.67 -21.61 -21.11
N PRO B 336 -15.05 -22.24 -19.99
CA PRO B 336 -14.20 -22.15 -18.79
C PRO B 336 -12.76 -22.55 -19.03
N LYS B 337 -12.52 -23.53 -19.90
CA LYS B 337 -11.17 -24.00 -20.18
C LYS B 337 -10.38 -23.02 -21.03
N SER B 338 -11.01 -21.96 -21.55
CA SER B 338 -10.30 -20.89 -22.23
C SER B 338 -9.85 -19.80 -21.27
N ARG B 339 -10.45 -19.73 -20.08
CA ARG B 339 -10.06 -18.73 -19.09
C ARG B 339 -8.69 -19.09 -18.50
N PRO B 340 -7.84 -18.10 -18.25
CA PRO B 340 -6.55 -18.38 -17.61
C PRO B 340 -6.71 -18.77 -16.15
N THR B 341 -5.64 -19.30 -15.58
CA THR B 341 -5.61 -19.55 -14.16
C THR B 341 -5.36 -18.24 -13.40
N MET B 342 -5.60 -18.29 -12.09
CA MET B 342 -5.39 -17.10 -11.27
C MET B 342 -3.90 -16.80 -11.10
N ASP B 343 -3.04 -17.81 -11.16
CA ASP B 343 -1.60 -17.57 -11.22
C ASP B 343 -1.24 -16.73 -12.43
N GLN B 344 -1.83 -17.05 -13.59
CA GLN B 344 -1.54 -16.32 -14.81
C GLN B 344 -2.03 -14.88 -14.72
N VAL B 345 -3.23 -14.68 -14.16
CA VAL B 345 -3.75 -13.34 -13.96
C VAL B 345 -2.87 -12.56 -12.99
N VAL B 346 -2.32 -13.24 -11.97
CA VAL B 346 -1.39 -12.60 -11.05
C VAL B 346 -0.15 -12.15 -11.80
N ARG B 347 0.35 -12.97 -12.71
CA ARG B 347 1.51 -12.59 -13.51
C ARG B 347 1.22 -11.35 -14.35
N ALA B 348 0.10 -11.36 -15.09
CA ALA B 348 -0.23 -10.24 -15.96
C ALA B 348 -0.40 -8.95 -15.16
N LEU B 349 -1.25 -8.99 -14.13
CA LEU B 349 -1.49 -7.80 -13.32
C LEU B 349 -0.22 -7.36 -12.59
N GLN B 350 0.67 -8.30 -12.26
CA GLN B 350 1.91 -7.93 -11.61
C GLN B 350 2.85 -7.21 -12.56
N GLN B 351 2.88 -7.63 -13.83
CA GLN B 351 3.65 -6.88 -14.83
C GLN B 351 3.07 -5.48 -15.01
N LEU B 352 1.74 -5.40 -15.14
CA LEU B 352 1.08 -4.10 -15.25
C LEU B 352 1.43 -3.19 -14.08
N GLN B 353 1.36 -3.72 -12.86
CA GLN B 353 1.70 -2.94 -11.67
C GLN B 353 3.17 -2.53 -11.68
N ASP B 354 4.06 -3.46 -12.05
CA ASP B 354 5.49 -3.18 -12.01
C ASP B 354 5.88 -2.07 -12.98
N ASN B 355 5.20 -1.96 -14.12
CA ASN B 355 5.58 -0.97 -15.12
C ASN B 355 4.67 0.26 -15.12
N LEU B 356 3.81 0.41 -14.12
CA LEU B 356 2.86 1.51 -14.09
C LEU B 356 3.57 2.86 -14.06
N GLY B 357 3.07 3.80 -14.88
CA GLY B 357 3.55 5.16 -14.91
C GLY B 357 4.60 5.45 -15.97
N LYS B 358 5.37 4.45 -16.38
CA LYS B 358 6.42 4.66 -17.37
C LYS B 358 6.08 3.93 -18.66
N PRO B 359 6.53 4.45 -19.81
CA PRO B 359 6.33 3.71 -21.07
C PRO B 359 6.96 2.34 -21.06
N SER B 360 8.06 2.16 -20.34
CA SER B 360 8.70 0.86 -20.16
C SER B 360 9.04 0.18 -21.48
#